data_9F06
#
_entry.id   9F06
#
_entity_poly.entity_id   1
_entity_poly.type   'polypeptide(L)'
_entity_poly.pdbx_seq_one_letter_code
;MASEAKQTVHTGNTVLLMIKGKPVGRAQSASGQREYGTTGVYEIGSIMPQEHVYLRYEGTITVERLRMKKENFADLGYAS
LGEEILKKDIIDILVVDNLTKQVIISYHGCSANNYNETWQTNEIVTEEIEFSYLTASDKART
;
_entity_poly.pdbx_strand_id   A,B,C
#
# COMPACT_ATOMS: atom_id res chain seq x y z
N ALA A 2 13.51 6.54 -22.60
CA ALA A 2 14.57 5.64 -23.13
C ALA A 2 15.31 4.95 -21.98
N SER A 3 15.79 3.75 -22.25
CA SER A 3 16.53 3.00 -21.23
C SER A 3 17.86 3.66 -20.94
N GLU A 4 18.38 3.41 -19.73
CA GLU A 4 19.64 4.01 -19.32
C GLU A 4 20.78 3.60 -20.26
N ALA A 5 20.72 2.40 -20.82
CA ALA A 5 21.79 1.93 -21.70
C ALA A 5 21.93 2.80 -22.95
N LYS A 6 20.82 3.17 -23.59
CA LYS A 6 20.87 3.99 -24.79
C LYS A 6 20.71 5.47 -24.51
N GLN A 7 20.58 5.87 -23.25
CA GLN A 7 20.44 7.28 -22.92
C GLN A 7 21.66 8.06 -23.40
N THR A 8 21.40 9.22 -23.99
CA THR A 8 22.47 10.04 -24.56
C THR A 8 22.93 11.15 -23.63
N VAL A 9 22.15 11.49 -22.61
CA VAL A 9 22.47 12.58 -21.70
C VAL A 9 22.68 12.02 -20.30
N HIS A 10 23.78 12.41 -19.69
CA HIS A 10 24.08 11.97 -18.33
C HIS A 10 23.07 12.55 -17.34
N THR A 11 22.75 11.76 -16.33
CA THR A 11 21.88 12.18 -15.24
C THR A 11 22.56 11.85 -13.92
N GLY A 12 21.91 12.19 -12.82
CA GLY A 12 22.49 11.97 -11.51
C GLY A 12 22.79 10.52 -11.24
N ASN A 13 21.83 9.63 -11.52
CA ASN A 13 22.01 8.21 -11.23
C ASN A 13 23.02 7.54 -12.15
N THR A 14 23.43 8.20 -13.24
CA THR A 14 24.37 7.61 -14.17
C THR A 14 25.82 7.96 -13.87
N VAL A 15 26.09 8.70 -12.81
CA VAL A 15 27.45 9.09 -12.45
C VAL A 15 27.68 8.75 -10.98
N LEU A 16 28.95 8.53 -10.64
CA LEU A 16 29.37 8.21 -9.28
C LEU A 16 30.50 9.13 -8.87
N LEU A 17 30.41 9.68 -7.67
CA LEU A 17 31.50 10.49 -7.12
C LEU A 17 32.43 9.59 -6.32
N MET A 18 33.67 9.46 -6.79
CA MET A 18 34.62 8.52 -6.21
C MET A 18 35.87 9.28 -5.79
N ILE A 19 36.36 8.96 -4.59
CA ILE A 19 37.59 9.54 -4.05
C ILE A 19 38.48 8.40 -3.58
N LYS A 20 39.73 8.39 -4.06
CA LYS A 20 40.70 7.36 -3.69
C LYS A 20 40.16 5.96 -3.98
N GLY A 21 39.39 5.83 -5.06
CA GLY A 21 38.88 4.55 -5.47
C GLY A 21 37.64 4.07 -4.74
N LYS A 22 37.12 4.86 -3.80
CA LYS A 22 35.95 4.48 -3.03
C LYS A 22 34.82 5.45 -3.30
N PRO A 23 33.60 4.96 -3.60
CA PRO A 23 32.51 5.89 -3.89
C PRO A 23 32.13 6.73 -2.68
N VAL A 24 31.66 7.94 -2.95
CA VAL A 24 31.21 8.86 -1.90
C VAL A 24 29.71 8.70 -1.76
N GLY A 25 29.26 8.41 -0.54
CA GLY A 25 27.86 8.14 -0.31
C GLY A 25 27.09 9.38 0.11
N ARG A 26 25.79 9.36 -0.19
CA ARG A 26 24.84 10.40 0.20
C ARG A 26 25.21 11.76 -0.38
N ALA A 27 25.96 11.80 -1.47
CA ALA A 27 26.25 13.06 -2.14
C ALA A 27 24.99 13.62 -2.77
N GLN A 28 24.79 14.93 -2.63
CA GLN A 28 23.60 15.60 -3.13
C GLN A 28 23.86 16.45 -4.37
N SER A 29 24.90 17.28 -4.36
CA SER A 29 25.17 18.14 -5.50
C SER A 29 26.67 18.42 -5.56
N ALA A 30 27.18 18.49 -6.79
CA ALA A 30 28.57 18.82 -7.04
C ALA A 30 28.64 19.83 -8.17
N SER A 31 29.33 20.95 -7.93
CA SER A 31 29.43 22.04 -8.89
C SER A 31 30.91 22.33 -9.15
N GLY A 32 31.31 22.26 -10.41
CA GLY A 32 32.67 22.56 -10.82
C GLY A 32 32.71 23.82 -11.67
N GLN A 33 33.68 24.69 -11.37
CA GLN A 33 33.82 25.94 -12.08
C GLN A 33 35.28 26.18 -12.40
N ARG A 34 35.53 26.88 -13.50
CA ARG A 34 36.88 27.22 -13.93
C ARG A 34 36.88 28.58 -14.60
N GLU A 35 38.00 29.28 -14.50
CA GLU A 35 38.16 30.61 -15.07
C GLU A 35 39.52 30.69 -15.75
N TYR A 36 39.54 31.26 -16.96
CA TYR A 36 40.76 31.42 -17.73
C TYR A 36 41.33 32.83 -17.65
N GLY A 37 40.60 33.78 -17.07
CA GLY A 37 41.09 35.13 -16.94
C GLY A 37 41.38 35.81 -18.26
N THR A 38 40.55 35.59 -19.27
CA THR A 38 40.77 36.20 -20.58
C THR A 38 40.71 37.72 -20.48
N THR A 39 41.65 38.39 -21.14
CA THR A 39 41.73 39.84 -21.17
C THR A 39 41.84 40.31 -22.61
N GLY A 40 41.08 41.36 -22.94
CA GLY A 40 41.11 41.91 -24.28
C GLY A 40 42.32 42.80 -24.49
N VAL A 41 42.70 42.96 -25.76
CA VAL A 41 43.82 43.81 -26.15
C VAL A 41 43.29 44.89 -27.08
N TYR A 42 43.61 46.14 -26.77
CA TYR A 42 43.15 47.28 -27.55
C TYR A 42 44.35 48.16 -27.90
N GLU A 43 44.20 48.91 -28.99
CA GLU A 43 45.25 49.77 -29.49
C GLU A 43 44.69 51.17 -29.70
N ILE A 44 45.58 52.16 -29.68
CA ILE A 44 45.17 53.55 -29.82
C ILE A 44 44.47 53.77 -31.15
N GLY A 45 44.97 53.17 -32.22
CA GLY A 45 44.43 53.35 -33.54
C GLY A 45 43.30 52.40 -33.91
N SER A 46 42.82 51.59 -32.98
CA SER A 46 41.75 50.64 -33.23
C SER A 46 40.69 50.77 -32.16
N ILE A 47 39.43 50.58 -32.55
CA ILE A 47 38.33 50.63 -31.59
C ILE A 47 37.90 49.24 -31.16
N MET A 48 37.83 48.29 -32.10
CA MET A 48 37.49 46.92 -31.78
C MET A 48 38.67 46.21 -31.10
N PRO A 49 38.40 45.21 -30.27
CA PRO A 49 39.50 44.45 -29.67
C PRO A 49 40.32 43.74 -30.74
N GLN A 50 41.63 43.66 -30.50
CA GLN A 50 42.53 43.03 -31.46
C GLN A 50 42.58 41.51 -31.27
N GLU A 51 42.84 41.06 -30.05
CA GLU A 51 42.93 39.63 -29.77
C GLU A 51 42.75 39.40 -28.29
N HIS A 52 42.50 38.14 -27.93
CA HIS A 52 42.33 37.73 -26.54
C HIS A 52 43.44 36.77 -26.16
N VAL A 53 44.05 37.02 -25.00
CA VAL A 53 45.17 36.21 -24.51
C VAL A 53 44.83 35.71 -23.12
N TYR A 54 45.08 34.43 -22.88
CA TYR A 54 44.84 33.82 -21.58
C TYR A 54 45.97 34.16 -20.62
N LEU A 55 45.61 34.55 -19.40
CA LEU A 55 46.59 34.98 -18.41
C LEU A 55 46.36 34.39 -17.02
N ARG A 56 45.31 33.60 -16.81
CA ARG A 56 45.00 33.08 -15.48
C ARG A 56 44.32 31.73 -15.63
N TYR A 57 44.36 30.94 -14.55
CA TYR A 57 43.68 29.65 -14.51
C TYR A 57 43.27 29.38 -13.07
N GLU A 58 41.99 29.56 -12.77
CA GLU A 58 41.44 29.33 -11.44
C GLU A 58 40.22 28.43 -11.56
N GLY A 59 40.12 27.45 -10.67
CA GLY A 59 38.99 26.54 -10.66
C GLY A 59 38.80 25.93 -9.29
N THR A 60 37.55 25.62 -8.98
CA THR A 60 37.20 25.03 -7.69
C THR A 60 36.08 24.01 -7.89
N ILE A 61 36.02 23.05 -6.97
CA ILE A 61 35.00 22.02 -6.97
C ILE A 61 34.35 22.01 -5.60
N THR A 62 33.02 22.06 -5.57
CA THR A 62 32.25 22.07 -4.34
C THR A 62 31.37 20.83 -4.28
N VAL A 63 31.38 20.15 -3.12
CA VAL A 63 30.62 18.93 -2.92
C VAL A 63 29.75 19.10 -1.67
N GLU A 64 28.48 18.74 -1.79
CA GLU A 64 27.54 18.78 -0.68
C GLU A 64 27.06 17.37 -0.36
N ARG A 65 27.05 17.03 0.92
CA ARG A 65 26.66 15.70 1.37
C ARG A 65 25.81 15.81 2.63
N LEU A 66 25.04 14.75 2.88
CA LEU A 66 24.37 14.58 4.16
C LEU A 66 25.35 13.99 5.16
N ARG A 67 25.42 14.60 6.33
CA ARG A 67 26.47 14.26 7.30
C ARG A 67 26.26 12.83 7.79
N MET A 68 27.14 11.94 7.36
CA MET A 68 27.08 10.55 7.79
C MET A 68 27.51 10.44 9.25
N LYS A 69 26.93 9.46 9.95
CA LYS A 69 27.28 9.25 11.35
C LYS A 69 28.74 8.86 11.50
N LYS A 70 29.25 7.99 10.64
CA LYS A 70 30.61 7.49 10.76
C LYS A 70 31.32 7.39 9.41
N GLU A 71 30.87 8.15 8.41
CA GLU A 71 31.51 8.12 7.10
C GLU A 71 31.65 9.52 6.48
N ASN A 72 31.55 10.57 7.27
CA ASN A 72 31.70 11.92 6.74
C ASN A 72 33.16 12.21 6.42
N PHE A 73 33.40 13.40 5.87
CA PHE A 73 34.75 13.78 5.46
C PHE A 73 35.73 13.79 6.62
N ALA A 74 35.32 14.31 7.78
CA ALA A 74 36.23 14.37 8.93
C ALA A 74 36.69 12.98 9.38
N ASP A 75 35.78 12.00 9.44
CA ASP A 75 36.19 10.65 9.81
C ASP A 75 37.13 10.05 8.78
N LEU A 76 36.85 10.24 7.49
CA LEU A 76 37.73 9.73 6.44
C LEU A 76 39.01 10.53 6.33
N GLY A 77 39.09 11.68 6.99
CA GLY A 77 40.30 12.48 6.95
C GLY A 77 40.42 13.42 5.78
N TYR A 78 39.45 13.41 4.86
CA TYR A 78 39.48 14.32 3.72
C TYR A 78 39.36 15.78 4.13
N ALA A 79 38.50 16.07 5.11
CA ALA A 79 38.31 17.43 5.59
C ALA A 79 39.18 17.69 6.81
N SER A 80 39.18 18.95 7.25
CA SER A 80 39.97 19.38 8.40
C SER A 80 39.09 20.24 9.30
N LEU A 81 39.44 20.24 10.59
CA LEU A 81 38.72 21.01 11.59
C LEU A 81 39.62 21.87 12.48
N GLY A 82 40.94 21.77 12.32
CA GLY A 82 41.84 22.50 13.18
C GLY A 82 43.27 22.52 12.66
N GLU A 83 44.24 22.34 13.56
CA GLU A 83 45.64 22.34 13.15
C GLU A 83 45.94 21.18 12.22
N GLU A 84 45.06 20.18 12.15
CA GLU A 84 45.29 19.03 11.29
C GLU A 84 45.29 19.41 9.81
N ILE A 85 44.84 20.60 9.47
CA ILE A 85 44.81 21.02 8.07
C ILE A 85 46.21 20.94 7.46
N LEU A 86 47.23 21.38 8.20
CA LEU A 86 48.59 21.30 7.70
C LEU A 86 49.06 19.87 7.49
N LYS A 87 48.39 18.90 8.13
CA LYS A 87 48.77 17.50 8.02
C LYS A 87 48.10 16.79 6.84
N LYS A 88 47.25 17.49 6.09
CA LYS A 88 46.50 16.89 5.00
C LYS A 88 47.21 17.17 3.68
N ASP A 89 47.39 16.12 2.87
CA ASP A 89 48.00 16.26 1.56
C ASP A 89 46.92 16.41 0.49
N ILE A 90 47.34 16.86 -0.70
CA ILE A 90 46.40 17.05 -1.80
C ILE A 90 45.76 15.73 -2.17
N ILE A 91 44.51 15.80 -2.62
CA ILE A 91 43.74 14.62 -3.01
C ILE A 91 43.09 14.88 -4.36
N ASP A 92 42.56 13.81 -4.96
CA ASP A 92 41.93 13.87 -6.26
C ASP A 92 40.48 13.40 -6.16
N ILE A 93 39.59 14.09 -6.88
CA ILE A 93 38.18 13.76 -6.93
C ILE A 93 37.86 13.29 -8.34
N LEU A 94 37.26 12.11 -8.45
CA LEU A 94 36.96 11.47 -9.72
C LEU A 94 35.46 11.31 -9.91
N VAL A 95 34.99 11.67 -11.10
CA VAL A 95 33.61 11.46 -11.51
C VAL A 95 33.61 10.44 -12.65
N VAL A 96 32.95 9.32 -12.43
CA VAL A 96 32.99 8.20 -13.38
C VAL A 96 31.57 7.72 -13.64
N ASP A 97 31.39 7.07 -14.79
CA ASP A 97 30.10 6.49 -15.13
C ASP A 97 29.78 5.34 -14.19
N ASN A 98 28.52 5.27 -13.74
CA ASN A 98 28.12 4.24 -12.79
C ASN A 98 28.25 2.85 -13.41
N LEU A 99 27.82 2.69 -14.67
CA LEU A 99 27.77 1.37 -15.27
C LEU A 99 29.17 0.86 -15.61
N THR A 100 30.01 1.71 -16.20
CA THR A 100 31.30 1.28 -16.72
C THR A 100 32.48 1.78 -15.89
N LYS A 101 32.26 2.72 -14.96
CA LYS A 101 33.31 3.27 -14.12
C LYS A 101 34.35 4.04 -14.92
N GLN A 102 34.05 4.34 -16.19
CA GLN A 102 34.98 5.12 -17.00
C GLN A 102 35.08 6.55 -16.47
N VAL A 103 36.30 7.09 -16.53
CA VAL A 103 36.55 8.43 -16.01
C VAL A 103 35.96 9.46 -16.96
N ILE A 104 35.20 10.40 -16.39
CA ILE A 104 34.60 11.49 -17.16
C ILE A 104 35.34 12.80 -16.89
N ILE A 105 35.38 13.24 -15.63
CA ILE A 105 36.11 14.44 -15.24
C ILE A 105 36.95 14.09 -14.00
N SER A 106 38.23 14.42 -14.06
CA SER A 106 39.16 14.14 -12.97
C SER A 106 39.77 15.45 -12.48
N TYR A 107 39.74 15.66 -11.17
CA TYR A 107 40.33 16.82 -10.54
C TYR A 107 41.63 16.38 -9.85
N HIS A 108 42.72 17.06 -10.17
CA HIS A 108 44.04 16.70 -9.67
C HIS A 108 44.55 17.76 -8.71
N GLY A 109 45.13 17.32 -7.61
CA GLY A 109 45.69 18.23 -6.63
C GLY A 109 44.66 19.11 -5.94
N CYS A 110 43.50 18.55 -5.59
CA CYS A 110 42.47 19.32 -4.91
C CYS A 110 42.95 19.75 -3.53
N SER A 111 42.71 21.01 -3.18
CA SER A 111 43.07 21.56 -1.89
C SER A 111 41.86 22.23 -1.27
N ALA A 112 41.58 21.91 -0.01
CA ALA A 112 40.41 22.46 0.65
C ALA A 112 40.51 23.96 0.80
N ASN A 113 39.39 24.65 0.61
CA ASN A 113 39.32 26.10 0.75
C ASN A 113 38.50 26.53 1.97
N ASN A 114 37.30 25.99 2.12
CA ASN A 114 36.45 26.32 3.26
C ASN A 114 35.58 25.13 3.60
N TYR A 115 35.09 25.11 4.84
CA TYR A 115 34.23 24.05 5.32
C TYR A 115 33.01 24.67 5.98
N ASN A 116 31.84 24.08 5.75
CA ASN A 116 30.59 24.60 6.27
C ASN A 116 29.75 23.47 6.83
N GLU A 117 28.91 23.81 7.81
CA GLU A 117 28.00 22.86 8.43
C GLU A 117 26.70 23.58 8.77
N THR A 118 25.64 22.79 8.93
CA THR A 118 24.33 23.34 9.25
C THR A 118 23.52 22.31 10.01
N TRP A 119 23.01 22.71 11.18
CA TRP A 119 22.14 21.87 11.99
C TRP A 119 20.77 22.52 12.07
N GLN A 120 19.72 21.74 11.82
CA GLN A 120 18.36 22.25 11.80
C GLN A 120 17.48 21.40 12.71
N THR A 121 16.43 22.02 13.25
CA THR A 121 15.58 21.36 14.22
C THR A 121 14.86 20.16 13.61
N ASN A 122 14.36 20.31 12.39
CA ASN A 122 13.53 19.29 11.75
C ASN A 122 13.94 19.09 10.31
N GLU A 123 15.24 19.03 10.05
CA GLU A 123 15.75 18.74 8.71
C GLU A 123 17.08 18.00 8.82
N ILE A 124 17.43 17.30 7.76
CA ILE A 124 18.64 16.49 7.75
C ILE A 124 19.86 17.39 7.82
N VAL A 125 20.92 16.91 8.48
CA VAL A 125 22.15 17.66 8.60
C VAL A 125 22.82 17.74 7.24
N THR A 126 23.29 18.94 6.88
CA THR A 126 23.92 19.19 5.59
C THR A 126 25.41 19.48 5.80
N GLU A 127 26.23 18.88 4.94
CA GLU A 127 27.67 19.05 4.97
C GLU A 127 28.14 19.58 3.62
N GLU A 128 28.98 20.62 3.66
CA GLU A 128 29.48 21.26 2.45
C GLU A 128 30.97 21.50 2.59
N ILE A 129 31.69 21.42 1.47
CA ILE A 129 33.13 21.67 1.44
C ILE A 129 33.52 22.04 0.02
N GLU A 130 34.49 22.93 -0.11
CA GLU A 130 34.96 23.40 -1.40
C GLU A 130 36.46 23.15 -1.51
N PHE A 131 36.90 22.71 -2.69
CA PHE A 131 38.30 22.39 -2.94
C PHE A 131 38.80 23.21 -4.12
N SER A 132 40.07 23.60 -4.06
CA SER A 132 40.75 24.22 -5.18
C SER A 132 41.83 23.29 -5.73
N TYR A 133 41.75 23.02 -7.02
CA TYR A 133 42.62 22.06 -7.67
C TYR A 133 43.53 22.79 -8.66
N LEU A 134 44.65 22.14 -8.98
CA LEU A 134 45.61 22.72 -9.92
C LEU A 134 45.06 22.71 -11.35
N THR A 135 44.72 21.53 -11.86
CA THR A 135 44.19 21.40 -13.21
C THR A 135 43.23 20.23 -13.25
N ALA A 136 42.34 20.24 -14.24
CA ALA A 136 41.38 19.18 -14.43
C ALA A 136 41.68 18.40 -15.71
N SER A 137 41.44 17.09 -15.65
CA SER A 137 41.72 16.21 -16.78
C SER A 137 40.57 15.23 -16.93
N ASP A 138 40.42 14.70 -18.15
CA ASP A 138 39.41 13.71 -18.47
C ASP A 138 39.90 12.28 -18.29
N LYS A 139 41.14 12.10 -17.85
CA LYS A 139 41.71 10.78 -17.66
C LYS A 139 42.40 10.73 -16.30
N ALA A 140 42.51 9.52 -15.75
CA ALA A 140 43.18 9.33 -14.47
C ALA A 140 44.69 9.27 -14.68
N ARG A 141 45.39 10.31 -14.20
CA ARG A 141 46.84 10.40 -14.36
C ARG A 141 47.51 10.52 -13.01
N THR A 142 46.91 11.28 -12.09
CA THR A 142 47.48 11.47 -10.76
C THR A 142 47.07 10.33 -9.84
N ALA B 2 -16.47 -18.51 -14.45
CA ALA B 2 -17.44 -18.44 -13.31
C ALA B 2 -16.78 -18.95 -12.03
N SER B 3 -16.30 -20.20 -12.07
CA SER B 3 -15.64 -20.76 -10.89
C SER B 3 -14.34 -20.03 -10.60
N GLU B 4 -13.99 -19.97 -9.31
CA GLU B 4 -12.80 -19.24 -8.90
C GLU B 4 -11.53 -19.83 -9.51
N ALA B 5 -11.55 -21.13 -9.84
CA ALA B 5 -10.35 -21.78 -10.34
C ALA B 5 -9.96 -21.22 -11.70
N LYS B 6 -10.92 -21.08 -12.62
CA LYS B 6 -10.62 -20.64 -13.97
C LYS B 6 -10.84 -19.14 -14.17
N GLN B 7 -11.16 -18.40 -13.11
CA GLN B 7 -11.34 -16.96 -13.24
C GLN B 7 -10.06 -16.32 -13.77
N THR B 8 -10.22 -15.42 -14.74
CA THR B 8 -9.08 -14.79 -15.39
C THR B 8 -8.72 -13.44 -14.80
N VAL B 9 -9.61 -12.83 -14.02
CA VAL B 9 -9.39 -11.52 -13.43
C VAL B 9 -9.35 -11.65 -11.92
N HIS B 10 -8.31 -11.07 -11.31
CA HIS B 10 -8.20 -11.12 -9.86
C HIS B 10 -9.34 -10.35 -9.20
N THR B 11 -9.81 -10.90 -8.08
CA THR B 11 -10.85 -10.27 -7.28
C THR B 11 -10.42 -10.25 -5.82
N GLY B 12 -11.19 -9.55 -5.00
CA GLY B 12 -10.84 -9.39 -3.59
C GLY B 12 -10.71 -10.71 -2.85
N ASN B 13 -11.68 -11.60 -3.04
CA ASN B 13 -11.68 -12.86 -2.31
C ASN B 13 -10.52 -13.77 -2.72
N THR B 14 -9.95 -13.55 -3.90
CA THR B 14 -8.86 -14.40 -4.39
C THR B 14 -7.49 -13.96 -3.90
N VAL B 15 -7.41 -12.85 -3.16
CA VAL B 15 -6.13 -12.35 -2.67
C VAL B 15 -6.25 -12.11 -1.16
N LEU B 16 -5.11 -12.19 -0.47
CA LEU B 16 -5.03 -11.98 0.96
C LEU B 16 -3.93 -10.98 1.27
N LEU B 17 -4.21 -10.09 2.22
CA LEU B 17 -3.21 -9.12 2.67
C LEU B 17 -2.43 -9.71 3.84
N MET B 18 -1.16 -10.00 3.61
CA MET B 18 -0.31 -10.67 4.59
C MET B 18 0.84 -9.76 4.97
N ILE B 19 1.08 -9.63 6.28
CA ILE B 19 2.18 -8.84 6.81
C ILE B 19 2.98 -9.72 7.76
N LYS B 20 4.28 -9.82 7.51
CA LYS B 20 5.17 -10.62 8.36
C LYS B 20 4.66 -12.05 8.49
N GLY B 21 4.16 -12.62 7.40
CA GLY B 21 3.70 -13.99 7.41
C GLY B 21 2.35 -14.23 8.06
N LYS B 22 1.62 -13.17 8.40
CA LYS B 22 0.31 -13.31 9.03
C LYS B 22 -0.72 -12.52 8.24
N PRO B 23 -1.88 -13.11 7.95
CA PRO B 23 -2.90 -12.37 7.18
C PRO B 23 -3.46 -11.21 7.99
N VAL B 24 -3.89 -10.17 7.27
CA VAL B 24 -4.49 -8.99 7.88
C VAL B 24 -6.01 -9.17 7.84
N GLY B 25 -6.64 -9.14 9.01
CA GLY B 25 -8.06 -9.37 9.07
C GLY B 25 -8.86 -8.09 8.88
N ARG B 26 -10.07 -8.25 8.35
CA ARG B 26 -11.02 -7.15 8.17
C ARG B 26 -10.48 -6.07 7.24
N ALA B 27 -9.55 -6.41 6.35
CA ALA B 27 -9.06 -5.44 5.39
C ALA B 27 -10.15 -5.08 4.40
N GLN B 28 -10.28 -3.78 4.12
CA GLN B 28 -11.33 -3.26 3.24
C GLN B 28 -10.80 -2.85 1.88
N SER B 29 -9.81 -1.96 1.84
CA SER B 29 -9.27 -1.47 0.58
C SER B 29 -7.78 -1.20 0.73
N ALA B 30 -7.04 -1.51 -0.34
CA ALA B 30 -5.61 -1.24 -0.41
C ALA B 30 -5.30 -0.57 -1.73
N SER B 31 -4.60 0.56 -1.69
CA SER B 31 -4.25 1.33 -2.87
C SER B 31 -2.75 1.58 -2.88
N GLY B 32 -2.10 1.20 -3.97
CA GLY B 32 -0.67 1.39 -4.13
C GLY B 32 -0.37 2.28 -5.32
N GLN B 33 0.54 3.23 -5.14
CA GLN B 33 0.89 4.19 -6.17
C GLN B 33 2.40 4.28 -6.28
N ARG B 34 2.87 4.54 -7.50
CA ARG B 34 4.29 4.67 -7.77
C ARG B 34 4.52 5.78 -8.79
N GLU B 35 5.68 6.42 -8.69
CA GLU B 35 6.05 7.51 -9.59
C GLU B 35 7.52 7.36 -9.98
N TYR B 36 7.78 7.35 -11.28
CA TYR B 36 9.14 7.20 -11.80
C TYR B 36 9.82 8.54 -12.05
N GLY B 37 9.13 9.65 -11.83
CA GLY B 37 9.74 10.96 -12.05
C GLY B 37 10.18 11.18 -13.48
N THR B 38 9.36 10.76 -14.44
CA THR B 38 9.72 10.91 -15.85
C THR B 38 9.69 12.39 -16.23
N THR B 39 10.69 12.80 -17.02
CA THR B 39 10.79 14.16 -17.51
C THR B 39 11.19 14.13 -18.98
N GLY B 40 10.79 15.19 -19.70
CA GLY B 40 11.09 15.30 -21.11
C GLY B 40 12.32 16.13 -21.36
N VAL B 41 13.11 15.73 -22.35
CA VAL B 41 14.33 16.45 -22.72
C VAL B 41 14.09 17.10 -24.07
N TYR B 42 14.27 18.43 -24.12
CA TYR B 42 14.04 19.20 -25.32
C TYR B 42 15.35 19.65 -25.94
N GLU B 43 15.24 20.30 -27.10
CA GLU B 43 16.40 20.78 -27.83
C GLU B 43 16.11 22.21 -28.30
N ILE B 44 17.18 22.94 -28.59
CA ILE B 44 17.03 24.33 -29.01
C ILE B 44 16.20 24.43 -30.28
N GLY B 45 16.49 23.58 -31.26
CA GLY B 45 15.81 23.63 -32.54
C GLY B 45 14.78 22.53 -32.72
N SER B 46 14.08 22.18 -31.64
CA SER B 46 13.06 21.15 -31.70
C SER B 46 11.84 21.62 -30.93
N ILE B 47 10.67 21.10 -31.32
CA ILE B 47 9.41 21.45 -30.65
C ILE B 47 8.85 20.30 -29.84
N MET B 48 9.48 19.13 -29.88
CA MET B 48 9.01 17.95 -29.18
C MET B 48 10.14 17.39 -28.32
N PRO B 49 9.82 16.67 -27.25
CA PRO B 49 10.86 16.06 -26.43
C PRO B 49 11.71 15.11 -27.25
N GLN B 50 13.04 15.25 -27.12
CA GLN B 50 13.96 14.33 -27.79
C GLN B 50 14.03 12.99 -27.09
N GLU B 51 14.02 12.98 -25.76
CA GLU B 51 14.10 11.74 -25.00
C GLU B 51 13.42 11.94 -23.65
N HIS B 52 13.07 10.83 -23.02
CA HIS B 52 12.49 10.81 -21.68
C HIS B 52 13.40 10.03 -20.74
N VAL B 53 13.62 10.59 -19.55
CA VAL B 53 14.52 10.01 -18.57
C VAL B 53 13.82 9.94 -17.22
N TYR B 54 14.32 9.06 -16.36
CA TYR B 54 13.78 8.88 -15.01
C TYR B 54 14.73 9.52 -14.00
N LEU B 55 14.19 10.33 -13.10
CA LEU B 55 15.00 11.12 -12.18
C LEU B 55 14.74 10.80 -10.72
N ARG B 56 13.54 10.36 -10.36
CA ARG B 56 13.22 10.13 -8.95
C ARG B 56 12.18 9.02 -8.87
N TYR B 57 12.40 8.06 -7.97
CA TYR B 57 11.47 6.96 -7.78
C TYR B 57 10.73 7.11 -6.46
N GLU B 58 9.41 6.96 -6.49
CA GLU B 58 8.59 7.09 -5.30
C GLU B 58 7.54 5.99 -5.29
N GLY B 59 7.07 5.66 -4.10
CA GLY B 59 6.05 4.65 -3.94
C GLY B 59 5.32 4.74 -2.61
N THR B 60 4.01 4.53 -2.62
CA THR B 60 3.20 4.61 -1.41
C THR B 60 2.12 3.54 -1.46
N ILE B 61 1.82 2.96 -0.30
CA ILE B 61 0.79 1.95 -0.15
C ILE B 61 -0.13 2.38 0.99
N THR B 62 -1.42 2.40 0.75
CA THR B 62 -2.42 2.80 1.73
C THR B 62 -3.30 1.60 2.07
N VAL B 63 -3.59 1.43 3.36
CA VAL B 63 -4.39 0.31 3.84
C VAL B 63 -5.49 0.86 4.73
N GLU B 64 -6.72 0.37 4.52
CA GLU B 64 -7.88 0.72 5.32
C GLU B 64 -8.46 -0.51 5.96
N ARG B 65 -8.85 -0.40 7.23
CA ARG B 65 -9.36 -1.54 7.99
C ARG B 65 -10.42 -1.07 8.98
N LEU B 66 -11.21 -2.02 9.44
CA LEU B 66 -12.10 -1.80 10.58
C LEU B 66 -11.34 -2.12 11.86
N ARG B 67 -11.31 -1.16 12.78
CA ARG B 67 -10.44 -1.27 13.95
C ARG B 67 -10.83 -2.49 14.77
N MET B 68 -9.95 -3.48 14.79
CA MET B 68 -10.17 -4.68 15.60
C MET B 68 -9.96 -4.38 17.08
N LYS B 69 -10.65 -5.15 17.92
CA LYS B 69 -10.53 -4.96 19.36
C LYS B 69 -9.17 -5.41 19.87
N LYS B 70 -8.60 -6.47 19.29
CA LYS B 70 -7.35 -7.04 19.78
C LYS B 70 -6.32 -7.29 18.68
N GLU B 71 -6.62 -6.97 17.41
CA GLU B 71 -5.68 -7.23 16.33
C GLU B 71 -5.51 -6.02 15.42
N ASN B 72 -5.64 -4.82 15.98
CA ASN B 72 -5.40 -3.61 15.20
C ASN B 72 -3.90 -3.35 15.07
N PHE B 73 -3.56 -2.40 14.20
CA PHE B 73 -2.15 -2.14 13.88
C PHE B 73 -1.34 -1.81 15.13
N ALA B 74 -1.90 -0.99 16.03
CA ALA B 74 -1.16 -0.64 17.24
C ALA B 74 -0.82 -1.86 18.08
N ASP B 75 -1.77 -2.78 18.25
CA ASP B 75 -1.51 -3.99 19.01
C ASP B 75 -0.45 -4.86 18.32
N LEU B 76 -0.53 -4.98 17.00
CA LEU B 76 0.45 -5.78 16.26
C LEU B 76 1.82 -5.11 16.19
N GLY B 77 1.94 -3.85 16.61
CA GLY B 77 3.22 -3.18 16.59
C GLY B 77 3.56 -2.53 15.27
N TYR B 78 2.62 -2.49 14.33
CA TYR B 78 2.85 -1.86 13.03
C TYR B 78 2.63 -0.35 13.08
N ALA B 79 1.55 0.11 13.68
CA ALA B 79 1.29 1.53 13.82
C ALA B 79 1.86 2.04 15.15
N SER B 80 2.20 3.33 15.16
CA SER B 80 2.78 3.98 16.33
C SER B 80 1.95 5.20 16.69
N LEU B 81 1.58 5.31 17.97
CA LEU B 81 0.80 6.43 18.45
C LEU B 81 1.67 7.52 19.09
N GLY B 82 2.97 7.26 19.27
CA GLY B 82 3.84 8.22 19.92
C GLY B 82 5.30 8.09 19.52
N GLU B 83 6.19 8.21 20.51
CA GLU B 83 7.62 8.19 20.23
C GLU B 83 8.11 6.79 19.86
N GLU B 84 7.29 5.76 20.05
CA GLU B 84 7.71 4.41 19.70
C GLU B 84 7.93 4.24 18.21
N ILE B 85 7.46 5.19 17.40
CA ILE B 85 7.69 5.12 15.95
C ILE B 85 9.18 5.03 15.65
N LEU B 86 9.99 5.80 16.37
CA LEU B 86 11.43 5.76 16.16
C LEU B 86 12.01 4.38 16.42
N LYS B 87 11.42 3.61 17.32
CA LYS B 87 11.89 2.26 17.60
C LYS B 87 11.41 1.23 16.59
N LYS B 88 10.41 1.57 15.78
CA LYS B 88 9.87 0.63 14.80
C LYS B 88 10.87 0.41 13.68
N ASP B 89 11.06 -0.86 13.30
CA ASP B 89 11.93 -1.20 12.18
C ASP B 89 11.10 -1.35 10.91
N ILE B 90 11.78 -1.31 9.76
CA ILE B 90 11.09 -1.44 8.48
C ILE B 90 10.38 -2.79 8.41
N ILE B 91 9.23 -2.81 7.75
CA ILE B 91 8.42 -4.00 7.60
C ILE B 91 8.08 -4.19 6.13
N ASP B 92 7.71 -5.42 5.78
CA ASP B 92 7.36 -5.79 4.42
C ASP B 92 5.88 -6.19 4.37
N ILE B 93 5.16 -5.66 3.39
CA ILE B 93 3.75 -5.97 3.18
C ILE B 93 3.64 -6.82 1.92
N LEU B 94 2.93 -7.94 2.04
CA LEU B 94 2.81 -8.91 0.97
C LEU B 94 1.34 -9.14 0.62
N VAL B 95 1.08 -9.23 -0.68
CA VAL B 95 -0.23 -9.59 -1.21
C VAL B 95 -0.08 -10.92 -1.91
N VAL B 96 -0.84 -11.92 -1.47
CA VAL B 96 -0.69 -13.29 -1.94
C VAL B 96 -2.04 -13.81 -2.44
N ASP B 97 -1.97 -14.75 -3.38
CA ASP B 97 -3.18 -15.41 -3.85
C ASP B 97 -3.77 -16.27 -2.75
N ASN B 98 -5.09 -16.21 -2.59
CA ASN B 98 -5.74 -16.98 -1.54
C ASN B 98 -5.64 -18.49 -1.79
N LEU B 99 -5.54 -18.88 -3.07
CA LEU B 99 -5.52 -20.30 -3.39
C LEU B 99 -4.13 -20.91 -3.20
N THR B 100 -3.15 -20.40 -3.94
CA THR B 100 -1.80 -20.96 -3.93
C THR B 100 -0.88 -20.30 -2.94
N LYS B 101 -1.30 -19.21 -2.30
CA LYS B 101 -0.49 -18.46 -1.33
C LYS B 101 0.75 -17.85 -1.95
N GLN B 102 0.87 -17.85 -3.27
CA GLN B 102 2.04 -17.28 -3.93
C GLN B 102 1.99 -15.75 -3.87
N VAL B 103 3.17 -15.13 -3.85
CA VAL B 103 3.25 -13.69 -3.73
C VAL B 103 2.98 -13.04 -5.08
N ILE B 104 2.04 -12.10 -5.11
CA ILE B 104 1.73 -11.36 -6.33
C ILE B 104 2.49 -10.03 -6.36
N ILE B 105 2.31 -9.21 -5.32
CA ILE B 105 3.01 -7.95 -5.19
C ILE B 105 3.62 -7.88 -3.79
N SER B 106 4.89 -7.51 -3.72
CA SER B 106 5.63 -7.41 -2.47
C SER B 106 6.15 -6.00 -2.30
N TYR B 107 5.94 -5.42 -1.11
CA TYR B 107 6.44 -4.10 -0.77
C TYR B 107 7.59 -4.26 0.21
N HIS B 108 8.73 -3.66 -0.11
CA HIS B 108 9.96 -3.82 0.65
C HIS B 108 10.29 -2.53 1.38
N GLY B 109 10.63 -2.64 2.66
CA GLY B 109 11.02 -1.48 3.44
C GLY B 109 9.92 -0.46 3.64
N CYS B 110 8.71 -0.93 3.94
CA CYS B 110 7.59 -0.02 4.16
C CYS B 110 7.84 0.82 5.42
N SER B 111 7.57 2.11 5.33
CA SER B 111 7.71 3.04 6.44
C SER B 111 6.44 3.87 6.57
N ALA B 112 5.90 3.95 7.78
CA ALA B 112 4.66 4.66 8.00
C ALA B 112 4.84 6.16 7.77
N ASN B 113 3.80 6.79 7.23
CA ASN B 113 3.78 8.23 6.99
C ASN B 113 2.70 8.94 7.79
N ASN B 114 1.48 8.41 7.79
CA ASN B 114 0.39 8.99 8.56
C ASN B 114 -0.51 7.87 9.07
N TYR B 115 -1.15 8.13 10.21
CA TYR B 115 -2.05 7.17 10.83
C TYR B 115 -3.30 7.91 11.29
N ASN B 116 -4.46 7.37 10.92
CA ASN B 116 -5.73 8.05 11.18
C ASN B 116 -6.75 7.04 11.68
N GLU B 117 -7.68 7.51 12.50
CA GLU B 117 -8.80 6.71 12.98
C GLU B 117 -10.06 7.57 12.96
N THR B 118 -11.21 6.94 12.78
CA THR B 118 -12.49 7.63 12.67
C THR B 118 -13.49 6.98 13.61
N TRP B 119 -14.30 7.81 14.27
CA TRP B 119 -15.36 7.36 15.16
C TRP B 119 -16.66 8.04 14.77
N GLN B 120 -17.76 7.29 14.80
CA GLN B 120 -19.06 7.82 14.45
C GLN B 120 -20.13 7.17 15.31
N THR B 121 -21.27 7.86 15.41
CA THR B 121 -22.33 7.41 16.31
C THR B 121 -22.91 6.07 15.88
N ASN B 122 -23.13 5.88 14.58
CA ASN B 122 -23.81 4.70 14.06
C ASN B 122 -23.07 4.11 12.88
N GLU B 123 -21.75 3.97 13.00
CA GLU B 123 -20.94 3.34 11.97
C GLU B 123 -19.78 2.62 12.63
N ILE B 124 -19.24 1.64 11.92
CA ILE B 124 -18.11 0.86 12.43
C ILE B 124 -16.86 1.73 12.44
N VAL B 125 -16.02 1.54 13.47
CA VAL B 125 -14.78 2.30 13.58
C VAL B 125 -13.90 2.00 12.37
N THR B 126 -13.40 3.05 11.73
CA THR B 126 -12.58 2.94 10.54
C THR B 126 -11.14 3.32 10.87
N GLU B 127 -10.20 2.49 10.39
CA GLU B 127 -8.78 2.71 10.61
C GLU B 127 -8.08 2.89 9.27
N GLU B 128 -7.24 3.92 9.19
CA GLU B 128 -6.51 4.23 7.96
C GLU B 128 -5.05 4.45 8.30
N ILE B 129 -4.16 4.05 7.38
CA ILE B 129 -2.73 4.21 7.56
C ILE B 129 -2.07 4.17 6.19
N GLU B 130 -0.93 4.87 6.08
CA GLU B 130 -0.18 4.95 4.84
C GLU B 130 1.27 4.58 5.10
N PHE B 131 1.92 3.98 4.12
CA PHE B 131 3.31 3.56 4.24
C PHE B 131 4.08 3.94 2.97
N SER B 132 5.39 4.10 3.13
CA SER B 132 6.30 4.35 2.03
C SER B 132 7.34 3.24 1.96
N TYR B 133 7.47 2.63 0.79
CA TYR B 133 8.34 1.49 0.58
C TYR B 133 9.46 1.86 -0.37
N LEU B 134 10.66 1.36 -0.07
CA LEU B 134 11.82 1.65 -0.91
C LEU B 134 11.67 1.02 -2.29
N THR B 135 11.24 -0.23 -2.36
CA THR B 135 11.15 -0.94 -3.63
C THR B 135 9.96 -1.88 -3.59
N ALA B 136 9.53 -2.29 -4.77
CA ALA B 136 8.45 -3.27 -4.93
C ALA B 136 8.88 -4.32 -5.95
N SER B 137 8.42 -5.56 -5.75
CA SER B 137 8.77 -6.65 -6.63
C SER B 137 7.62 -7.64 -6.68
N ASP B 138 7.64 -8.49 -7.71
CA ASP B 138 6.60 -9.48 -7.93
C ASP B 138 6.85 -10.77 -7.16
N LYS B 139 7.97 -10.88 -6.44
CA LYS B 139 8.28 -12.08 -5.68
C LYS B 139 8.65 -11.68 -4.25
N ALA B 140 8.85 -12.69 -3.42
CA ALA B 140 9.20 -12.45 -2.03
C ALA B 140 10.58 -11.81 -1.91
N ARG B 141 10.79 -11.08 -0.82
CA ARG B 141 12.08 -10.43 -0.60
C ARG B 141 13.21 -11.43 -0.51
N THR B 142 12.99 -12.54 0.21
CA THR B 142 14.02 -13.57 0.36
C THR B 142 13.68 -14.79 -0.50
N ALA C 2 -51.47 -38.57 -4.73
CA ALA C 2 -50.85 -39.83 -4.23
C ALA C 2 -50.69 -39.79 -2.71
N SER C 3 -50.21 -40.89 -2.14
CA SER C 3 -50.03 -40.97 -0.70
C SER C 3 -48.91 -40.04 -0.25
N GLU C 4 -48.99 -39.58 1.00
CA GLU C 4 -47.98 -38.69 1.54
C GLU C 4 -46.62 -39.37 1.60
N ALA C 5 -46.59 -40.65 2.00
CA ALA C 5 -45.33 -41.37 2.15
C ALA C 5 -44.56 -41.46 0.85
N LYS C 6 -45.24 -41.36 -0.29
CA LYS C 6 -44.58 -41.43 -1.60
C LYS C 6 -44.87 -40.21 -2.45
N GLN C 7 -45.19 -39.07 -1.84
CA GLN C 7 -45.46 -37.85 -2.59
C GLN C 7 -44.20 -37.41 -3.32
N THR C 8 -44.39 -36.89 -4.54
CA THR C 8 -43.26 -36.53 -5.38
C THR C 8 -42.57 -35.25 -4.92
N VAL C 9 -43.31 -34.33 -4.30
CA VAL C 9 -42.77 -33.04 -3.88
C VAL C 9 -43.21 -32.76 -2.46
N HIS C 10 -42.48 -31.86 -1.80
CA HIS C 10 -42.82 -31.46 -0.44
C HIS C 10 -44.06 -30.60 -0.42
N THR C 11 -44.72 -30.56 0.74
CA THR C 11 -45.91 -29.74 0.93
C THR C 11 -45.81 -29.05 2.28
N GLY C 12 -46.90 -28.37 2.66
CA GLY C 12 -46.88 -27.59 3.88
C GLY C 12 -46.73 -28.42 5.14
N ASN C 13 -47.46 -29.54 5.23
CA ASN C 13 -47.49 -30.34 6.45
C ASN C 13 -46.33 -31.33 6.56
N THR C 14 -45.54 -31.47 5.50
CA THR C 14 -44.41 -32.40 5.51
C THR C 14 -43.12 -31.76 6.01
N VAL C 15 -43.13 -30.47 6.34
CA VAL C 15 -41.95 -29.76 6.80
C VAL C 15 -42.28 -29.07 8.12
N LEU C 16 -41.36 -29.22 9.08
CA LEU C 16 -41.51 -28.64 10.41
C LEU C 16 -40.39 -27.64 10.65
N LEU C 17 -40.74 -26.45 11.11
CA LEU C 17 -39.76 -25.43 11.42
C LEU C 17 -39.26 -25.60 12.85
N MET C 18 -38.01 -26.01 13.00
CA MET C 18 -37.43 -26.30 14.30
C MET C 18 -36.33 -25.30 14.61
N ILE C 19 -36.39 -24.72 15.81
CA ILE C 19 -35.39 -23.76 16.29
C ILE C 19 -34.86 -24.25 17.62
N LYS C 20 -33.54 -24.42 17.69
CA LYS C 20 -32.88 -24.84 18.93
C LYS C 20 -33.47 -26.14 19.47
N GLY C 21 -33.77 -27.06 18.56
CA GLY C 21 -34.20 -28.40 18.93
C GLY C 21 -35.66 -28.55 19.25
N LYS C 22 -36.47 -27.49 19.10
CA LYS C 22 -37.89 -27.57 19.38
C LYS C 22 -38.68 -27.04 18.19
N PRO C 23 -39.76 -27.72 17.79
CA PRO C 23 -40.53 -27.25 16.64
C PRO C 23 -41.20 -25.92 16.90
N VAL C 24 -41.40 -25.16 15.83
CA VAL C 24 -42.06 -23.86 15.91
C VAL C 24 -43.53 -24.05 15.58
N GLY C 25 -44.40 -23.69 16.51
CA GLY C 25 -45.83 -23.92 16.32
C GLY C 25 -46.48 -22.75 15.58
N ARG C 26 -47.60 -23.06 14.91
CA ARG C 26 -48.41 -22.08 14.20
C ARG C 26 -47.62 -21.30 13.17
N ALA C 27 -46.70 -21.93 12.45
CA ALA C 27 -45.97 -21.27 11.39
C ALA C 27 -46.85 -21.13 10.16
N GLN C 28 -46.97 -19.91 9.64
CA GLN C 28 -47.83 -19.66 8.48
C GLN C 28 -47.04 -19.62 7.18
N SER C 29 -45.89 -18.94 7.18
CA SER C 29 -45.08 -18.81 5.98
C SER C 29 -43.62 -18.66 6.36
N ALA C 30 -42.74 -18.97 5.42
CA ALA C 30 -41.30 -18.83 5.62
C ALA C 30 -40.65 -18.70 4.26
N SER C 31 -40.05 -17.54 3.99
CA SER C 31 -39.42 -17.25 2.71
C SER C 31 -37.93 -17.03 2.93
N GLY C 32 -37.10 -17.80 2.22
CA GLY C 32 -35.66 -17.68 2.30
C GLY C 32 -35.12 -17.15 0.97
N GLN C 33 -34.27 -16.12 1.08
CA GLN C 33 -33.71 -15.46 -0.09
C GLN C 33 -32.19 -15.47 0.01
N ARG C 34 -31.55 -15.62 -1.14
CA ARG C 34 -30.09 -15.62 -1.23
C ARG C 34 -29.67 -14.86 -2.48
N GLU C 35 -28.48 -14.27 -2.42
CA GLU C 35 -27.94 -13.50 -3.52
C GLU C 35 -26.42 -13.65 -3.55
N TYR C 36 -25.87 -13.72 -4.75
CA TYR C 36 -24.43 -13.90 -4.94
C TYR C 36 -23.73 -12.67 -5.49
N GLY C 37 -24.47 -11.62 -5.84
CA GLY C 37 -23.87 -10.42 -6.36
C GLY C 37 -23.10 -10.63 -7.65
N THR C 38 -23.64 -11.42 -8.57
CA THR C 38 -22.94 -11.70 -9.82
C THR C 38 -22.79 -10.43 -10.64
N THR C 39 -21.62 -10.25 -11.25
CA THR C 39 -21.33 -9.11 -12.10
C THR C 39 -20.66 -9.59 -13.38
N GLY C 40 -20.87 -8.84 -14.45
CA GLY C 40 -20.31 -9.19 -15.75
C GLY C 40 -18.99 -8.49 -16.00
N VAL C 41 -18.11 -9.18 -16.72
CA VAL C 41 -16.80 -8.65 -17.08
C VAL C 41 -16.81 -8.41 -18.58
N TYR C 42 -16.58 -7.16 -18.98
CA TYR C 42 -16.59 -6.77 -20.38
C TYR C 42 -15.19 -6.41 -20.86
N GLU C 43 -15.03 -6.38 -22.19
CA GLU C 43 -13.76 -6.08 -22.82
C GLU C 43 -13.95 -4.93 -23.79
N ILE C 44 -12.84 -4.23 -24.08
CA ILE C 44 -12.92 -3.05 -24.94
C ILE C 44 -13.45 -3.43 -26.32
N GLY C 45 -12.93 -4.51 -26.90
CA GLY C 45 -13.29 -4.91 -28.24
C GLY C 45 -14.41 -5.91 -28.36
N SER C 46 -15.07 -6.26 -27.26
CA SER C 46 -16.15 -7.24 -27.31
C SER C 46 -17.38 -6.67 -26.63
N ILE C 47 -18.50 -6.73 -27.34
CA ILE C 47 -19.78 -6.28 -26.79
C ILE C 47 -20.28 -7.23 -25.70
N MET C 48 -20.13 -8.53 -25.90
CA MET C 48 -20.65 -9.52 -24.95
C MET C 48 -19.80 -9.55 -23.69
N PRO C 49 -20.38 -9.95 -22.55
CA PRO C 49 -19.59 -10.10 -21.32
C PRO C 49 -18.71 -11.33 -21.40
N GLN C 50 -17.40 -11.13 -21.18
CA GLN C 50 -16.46 -12.24 -21.26
C GLN C 50 -16.74 -13.32 -20.22
N GLU C 51 -17.02 -12.93 -18.98
CA GLU C 51 -17.28 -13.89 -17.93
C GLU C 51 -17.99 -13.18 -16.77
N HIS C 52 -18.51 -13.98 -15.85
CA HIS C 52 -19.20 -13.49 -14.67
C HIS C 52 -18.48 -13.97 -13.41
N VAL C 53 -18.46 -13.12 -12.39
CA VAL C 53 -17.79 -13.42 -11.14
C VAL C 53 -18.72 -13.07 -9.97
N TYR C 54 -18.42 -13.64 -8.81
CA TYR C 54 -19.20 -13.41 -7.60
C TYR C 54 -18.44 -12.45 -6.70
N LEU C 55 -19.13 -11.41 -6.23
CA LEU C 55 -18.47 -10.35 -5.45
C LEU C 55 -19.20 -9.96 -4.17
N ARG C 56 -20.47 -10.31 -3.99
CA ARG C 56 -21.21 -9.88 -2.80
C ARG C 56 -22.25 -10.95 -2.48
N TYR C 57 -22.02 -11.71 -1.41
CA TYR C 57 -22.96 -12.73 -0.98
C TYR C 57 -23.91 -12.16 0.06
N GLU C 58 -25.21 -12.41 -0.12
CA GLU C 58 -26.23 -11.93 0.80
C GLU C 58 -27.34 -12.97 0.91
N GLY C 59 -28.02 -12.96 2.05
CA GLY C 59 -29.12 -13.87 2.27
C GLY C 59 -29.96 -13.43 3.44
N THR C 60 -31.25 -13.76 3.39
CA THR C 60 -32.19 -13.40 4.44
C THR C 60 -33.27 -14.46 4.54
N ILE C 61 -33.81 -14.61 5.75
CA ILE C 61 -34.89 -15.55 6.03
C ILE C 61 -35.97 -14.79 6.80
N THR C 62 -37.21 -14.93 6.34
CA THR C 62 -38.36 -14.28 6.97
C THR C 62 -39.31 -15.34 7.49
N VAL C 63 -39.81 -15.12 8.71
CA VAL C 63 -40.71 -16.05 9.38
C VAL C 63 -41.96 -15.29 9.82
N GLU C 64 -43.13 -15.87 9.52
CA GLU C 64 -44.40 -15.32 9.93
C GLU C 64 -45.15 -16.35 10.76
N ARG C 65 -45.76 -15.89 11.85
CA ARG C 65 -46.45 -16.77 12.78
C ARG C 65 -47.65 -16.06 13.38
N LEU C 66 -48.59 -16.84 13.90
CA LEU C 66 -49.64 -16.32 14.75
C LEU C 66 -49.10 -16.15 16.16
N ARG C 67 -49.31 -14.98 16.75
CA ARG C 67 -48.68 -14.62 18.02
C ARG C 67 -49.19 -15.56 19.10
N MET C 68 -48.32 -16.47 19.55
CA MET C 68 -48.68 -17.38 20.62
C MET C 68 -48.81 -16.64 21.94
N LYS C 69 -49.75 -17.09 22.78
CA LYS C 69 -49.96 -16.45 24.07
C LYS C 69 -48.74 -16.60 24.98
N LYS C 70 -48.12 -17.78 24.97
CA LYS C 70 -47.02 -18.07 25.87
C LYS C 70 -45.74 -18.55 25.18
N GLU C 71 -45.78 -18.82 23.87
CA GLU C 71 -44.63 -19.35 23.15
C GLU C 71 -44.26 -18.46 21.97
N ASN C 72 -44.44 -17.16 22.10
CA ASN C 72 -44.04 -16.23 21.05
C ASN C 72 -42.54 -15.96 21.13
N PHE C 73 -42.01 -15.29 20.11
CA PHE C 73 -40.58 -15.07 20.02
C PHE C 73 -40.04 -14.29 21.21
N ALA C 74 -40.73 -13.24 21.66
CA ALA C 74 -40.23 -12.44 22.78
C ALA C 74 -40.08 -13.30 24.03
N ASP C 75 -41.06 -14.15 24.32
CA ASP C 75 -40.97 -15.00 25.50
C ASP C 75 -39.82 -16.00 25.38
N LEU C 76 -39.65 -16.60 24.20
CA LEU C 76 -38.56 -17.54 23.98
C LEU C 76 -37.20 -16.84 23.86
N GLY C 77 -37.18 -15.52 23.78
CA GLY C 77 -35.93 -14.80 23.68
C GLY C 77 -35.32 -14.74 22.31
N TYR C 78 -36.04 -15.21 21.29
CA TYR C 78 -35.54 -15.14 19.91
C TYR C 78 -35.63 -13.73 19.35
N ALA C 79 -36.70 -13.00 19.65
CA ALA C 79 -36.85 -11.63 19.20
C ALA C 79 -36.32 -10.66 20.25
N SER C 80 -36.42 -9.38 19.96
CA SER C 80 -35.96 -8.34 20.86
C SER C 80 -36.86 -7.12 20.73
N LEU C 81 -37.02 -6.39 21.83
CA LEU C 81 -37.84 -5.18 21.85
C LEU C 81 -37.05 -3.95 22.26
N GLY C 82 -35.96 -4.14 23.01
CA GLY C 82 -35.18 -3.01 23.49
C GLY C 82 -33.70 -3.28 23.54
N GLU C 83 -33.06 -2.94 24.66
CA GLU C 83 -31.61 -3.06 24.76
C GLU C 83 -31.17 -4.53 24.76
N GLU C 84 -32.10 -5.46 25.02
CA GLU C 84 -31.73 -6.87 25.10
C GLU C 84 -31.24 -7.42 23.77
N ILE C 85 -31.46 -6.71 22.65
CA ILE C 85 -30.99 -7.19 21.36
C ILE C 85 -29.48 -7.37 21.37
N LEU C 86 -28.76 -6.45 22.02
CA LEU C 86 -27.31 -6.52 22.06
C LEU C 86 -26.81 -7.79 22.74
N LYS C 87 -27.61 -8.38 23.63
CA LYS C 87 -27.21 -9.58 24.35
C LYS C 87 -27.66 -10.87 23.66
N LYS C 88 -28.31 -10.77 22.51
CA LYS C 88 -28.82 -11.95 21.83
C LYS C 88 -27.69 -12.63 21.06
N ASP C 89 -27.54 -13.94 21.26
CA ASP C 89 -26.53 -14.70 20.54
C ASP C 89 -27.12 -15.24 19.23
N ILE C 90 -26.23 -15.57 18.30
CA ILE C 90 -26.67 -16.09 17.02
C ILE C 90 -27.39 -17.42 17.22
N ILE C 91 -28.38 -17.69 16.38
CA ILE C 91 -29.17 -18.90 16.45
C ILE C 91 -29.28 -19.49 15.04
N ASP C 92 -29.59 -20.77 14.98
CA ASP C 92 -29.73 -21.50 13.72
C ASP C 92 -31.17 -21.96 13.54
N ILE C 93 -31.70 -21.77 12.33
CA ILE C 93 -33.04 -22.18 11.98
C ILE C 93 -32.94 -23.39 11.07
N LEU C 94 -33.63 -24.47 11.43
CA LEU C 94 -33.55 -25.73 10.73
C LEU C 94 -34.92 -26.11 10.18
N VAL C 95 -34.95 -26.51 8.91
CA VAL C 95 -36.15 -27.06 8.27
C VAL C 95 -35.92 -28.55 8.09
N VAL C 96 -36.76 -29.36 8.73
CA VAL C 96 -36.57 -30.81 8.77
C VAL C 96 -37.84 -31.48 8.26
N ASP C 97 -37.65 -32.70 7.73
CA ASP C 97 -38.78 -33.50 7.29
C ASP C 97 -39.62 -33.92 8.48
N ASN C 98 -40.94 -33.92 8.31
CA ASN C 98 -41.83 -34.28 9.40
C ASN C 98 -41.61 -35.73 9.84
N LEU C 99 -41.42 -36.64 8.89
CA LEU C 99 -41.31 -38.05 9.20
C LEU C 99 -39.92 -38.42 9.67
N THR C 100 -38.91 -38.24 8.82
CA THR C 100 -37.56 -38.68 9.13
C THR C 100 -36.76 -37.67 9.94
N LYS C 101 -37.24 -36.44 10.09
CA LYS C 101 -36.55 -35.40 10.84
C LYS C 101 -35.20 -35.03 10.21
N GLN C 102 -34.96 -35.47 8.98
CA GLN C 102 -33.71 -35.13 8.31
C GLN C 102 -33.67 -33.64 7.98
N VAL C 103 -32.48 -33.04 8.09
CA VAL C 103 -32.34 -31.62 7.84
C VAL C 103 -32.33 -31.37 6.34
N ILE C 104 -33.20 -30.48 5.89
CA ILE C 104 -33.30 -30.12 4.48
C ILE C 104 -32.57 -28.81 4.19
N ILE C 105 -32.95 -27.74 4.89
CA ILE C 105 -32.30 -26.44 4.77
C ILE C 105 -31.90 -25.98 6.16
N SER C 106 -30.65 -25.58 6.33
CA SER C 106 -30.12 -25.12 7.60
C SER C 106 -29.52 -23.73 7.43
N TYR C 107 -29.87 -22.82 8.33
CA TYR C 107 -29.35 -21.46 8.33
C TYR C 107 -28.41 -21.31 9.52
N HIS C 108 -27.20 -20.81 9.26
CA HIS C 108 -26.16 -20.68 10.28
C HIS C 108 -25.90 -19.21 10.56
N GLY C 109 -25.77 -18.87 11.84
CA GLY C 109 -25.47 -17.51 12.23
C GLY C 109 -26.56 -16.51 11.91
N CYS C 110 -27.82 -16.88 12.11
CA CYS C 110 -28.92 -15.96 11.85
C CYS C 110 -28.87 -14.79 12.81
N SER C 111 -29.08 -13.58 12.28
CA SER C 111 -29.10 -12.36 13.06
C SER C 111 -30.36 -11.56 12.73
N ALA C 112 -31.08 -11.14 13.77
CA ALA C 112 -32.34 -10.43 13.57
C ALA C 112 -32.11 -9.10 12.87
N ASN C 113 -33.02 -8.76 11.96
CA ASN C 113 -32.99 -7.49 11.24
C ASN C 113 -34.13 -6.57 11.65
N ASN C 114 -35.36 -7.08 11.66
CA ASN C 114 -36.52 -6.29 12.06
C ASN C 114 -37.55 -7.21 12.70
N TYR C 115 -38.41 -6.61 13.52
CA TYR C 115 -39.48 -7.34 14.20
C TYR C 115 -40.76 -6.52 14.06
N ASN C 116 -41.83 -7.17 13.61
CA ASN C 116 -43.08 -6.48 13.31
C ASN C 116 -44.23 -7.22 13.96
N GLU C 117 -45.25 -6.45 14.37
CA GLU C 117 -46.47 -6.99 14.94
C GLU C 117 -47.65 -6.16 14.46
N THR C 118 -48.83 -6.76 14.47
CA THR C 118 -50.03 -6.09 14.00
C THR C 118 -51.22 -6.54 14.83
N TRP C 119 -52.15 -5.63 15.08
CA TRP C 119 -53.38 -5.90 15.82
C TRP C 119 -54.56 -5.39 15.01
N GLN C 120 -55.65 -6.15 15.02
CA GLN C 120 -56.85 -5.78 14.28
C GLN C 120 -58.08 -6.18 15.09
N THR C 121 -59.20 -5.51 14.78
CA THR C 121 -60.42 -5.69 15.57
C THR C 121 -60.96 -7.11 15.44
N ASN C 122 -60.94 -7.68 14.23
CA ASN C 122 -61.57 -8.98 13.98
C ASN C 122 -60.67 -9.85 13.12
N GLU C 123 -59.38 -9.89 13.44
CA GLU C 123 -58.43 -10.76 12.78
C GLU C 123 -57.41 -11.28 13.78
N ILE C 124 -56.86 -12.46 13.48
CA ILE C 124 -55.87 -13.06 14.37
C ILE C 124 -54.60 -12.24 14.36
N VAL C 125 -53.99 -12.08 15.54
CA VAL C 125 -52.76 -11.31 15.64
C VAL C 125 -51.67 -12.00 14.82
N THR C 126 -50.96 -11.20 14.01
CA THR C 126 -49.91 -11.72 13.15
C THR C 126 -48.55 -11.26 13.66
N GLU C 127 -47.60 -12.19 13.70
CA GLU C 127 -46.25 -11.92 14.15
C GLU C 127 -45.29 -12.17 13.00
N GLU C 128 -44.41 -11.20 12.74
CA GLU C 128 -43.45 -11.29 11.66
C GLU C 128 -42.07 -10.89 12.17
N ILE C 129 -41.04 -11.52 11.61
CA ILE C 129 -39.66 -11.25 11.98
C ILE C 129 -38.75 -11.67 10.83
N GLU C 130 -37.61 -10.98 10.71
CA GLU C 130 -36.65 -11.25 9.66
C GLU C 130 -35.28 -11.46 10.28
N PHE C 131 -34.49 -12.34 9.67
CA PHE C 131 -33.15 -12.66 10.15
C PHE C 131 -32.17 -12.66 8.99
N SER C 132 -30.91 -12.39 9.30
CA SER C 132 -29.81 -12.45 8.35
C SER C 132 -28.78 -13.49 8.79
N TYR C 133 -28.45 -14.40 7.88
CA TYR C 133 -27.54 -15.50 8.18
C TYR C 133 -26.31 -15.39 7.30
N LEU C 134 -25.22 -16.00 7.77
CA LEU C 134 -23.96 -15.95 7.05
C LEU C 134 -23.94 -16.96 5.90
N THR C 135 -24.11 -18.24 6.22
CA THR C 135 -24.07 -19.29 5.21
C THR C 135 -25.20 -20.27 5.46
N ALA C 136 -25.61 -20.96 4.39
CA ALA C 136 -26.67 -21.96 4.45
C ALA C 136 -26.17 -23.28 3.88
N SER C 137 -26.68 -24.37 4.44
CA SER C 137 -26.28 -25.70 4.02
C SER C 137 -27.44 -26.67 4.25
N ASP C 138 -27.39 -27.80 3.57
CA ASP C 138 -28.42 -28.83 3.67
C ASP C 138 -28.19 -29.77 4.85
N LYS C 139 -27.09 -29.60 5.58
CA LYS C 139 -26.78 -30.45 6.72
C LYS C 139 -26.43 -29.57 7.91
N ALA C 140 -26.95 -29.93 9.08
CA ALA C 140 -26.68 -29.16 10.29
C ALA C 140 -25.21 -29.28 10.67
N ARG C 141 -24.65 -28.16 11.16
CA ARG C 141 -23.26 -28.13 11.57
C ARG C 141 -23.04 -27.40 12.90
N THR C 142 -24.10 -26.93 13.55
CA THR C 142 -23.96 -26.22 14.82
C THR C 142 -25.27 -26.23 15.59
#